data_5JGH
#
_entry.id   5JGH
#
_cell.length_a   71.989
_cell.length_b   131.991
_cell.length_c   71.994
_cell.angle_alpha   90.00
_cell.angle_beta   103.21
_cell.angle_gamma   90.00
#
_symmetry.space_group_name_H-M   'P 1 21 1'
#
loop_
_entity.id
_entity.type
_entity.pdbx_description
1 polymer 'ARS-binding factor 2, mitochondrial'
2 polymer "DNA (5'-D(*TP*TP*TP*AP*TP*TP*AP*TP*TP*TP*TP*AP*TP*AP*TP*TP*AP*TP*AP*TP*AP*A)-3')"
3 polymer "DNA (5'-D(*TP*TP*AP*TP*AP*TP*AP*AP*TP*AP*TP*AP*AP*AP*AP*TP*AP*AP*TP*AP*AP*A)-3')"
4 non-polymer 'ACETATE ION'
5 water water
#
loop_
_entity_poly.entity_id
_entity_poly.type
_entity_poly.pdbx_seq_one_letter_code
_entity_poly.pdbx_strand_id
1 'polypeptide(L)'
;HHHHHHKASKRTQLRNELIKQGPKRPTSAYFLYLQDHRSQFVKENPTLRPAEISKIAGEKWQNLEADIKEKYISERKKLY
SEYQKAKKEFDEKLPPKKPAGPFIKYANEVRSQVFAQHPDKSQLDLMKIIGDKWQSLDQSIKDKYIQEYKKAIQEYNARY
PLN
;
A,D,G,J
2 'polydeoxyribonucleotide'
;(DT)(DT)(DT)(DA)(DT)(DT)(DA)(DT)(DT)(DT)(DT)(DA)(DT)(DA)(DT)(DT)(DA)(DT)(DA)(DT)
(DA)(DA)
;
B,E,H,K
3 'polydeoxyribonucleotide'
;(DT)(DT)(DA)(DT)(DA)(DT)(DA)(DA)(DT)(DA)(DT)(DA)(DA)(DA)(DA)(DT)(DA)(DA)(DT)(DA)
(DA)(DA)
;
C,F,I,L
#
# COMPACT_ATOMS: atom_id res chain seq x y z
N LYS A 7 -18.31 9.14 -6.55
CA LYS A 7 -17.58 8.50 -7.64
C LYS A 7 -18.41 7.44 -8.36
N ALA A 8 -19.68 7.32 -7.99
CA ALA A 8 -20.53 6.34 -8.66
C ALA A 8 -21.64 7.03 -9.45
N SER A 9 -22.38 6.24 -10.22
CA SER A 9 -23.47 6.77 -11.03
C SER A 9 -24.50 7.46 -10.15
N LYS A 10 -25.11 8.52 -10.70
CA LYS A 10 -26.09 9.35 -9.99
C LYS A 10 -27.38 8.70 -9.54
N ARG A 11 -28.03 7.91 -10.38
CA ARG A 11 -29.27 7.29 -9.95
C ARG A 11 -28.90 6.42 -8.79
N THR A 12 -27.77 5.74 -8.94
CA THR A 12 -27.26 4.87 -7.90
C THR A 12 -26.91 5.65 -6.64
N GLN A 13 -26.40 6.87 -6.82
CA GLN A 13 -25.97 7.65 -5.67
C GLN A 13 -27.14 8.06 -4.81
N LEU A 14 -28.29 8.36 -5.42
CA LEU A 14 -29.51 8.60 -4.65
C LEU A 14 -29.90 7.38 -3.83
N ARG A 15 -29.80 6.20 -4.43
CA ARG A 15 -30.08 4.97 -3.69
C ARG A 15 -29.17 4.84 -2.48
N ASN A 16 -27.86 5.08 -2.66
CA ASN A 16 -26.92 4.86 -1.57
C ASN A 16 -27.22 5.76 -0.37
N GLU A 17 -27.46 7.04 -0.63
CA GLU A 17 -27.88 7.94 0.44
C GLU A 17 -29.19 7.46 1.09
N LEU A 18 -30.12 6.96 0.27
CA LEU A 18 -31.35 6.41 0.85
C LEU A 18 -31.05 5.19 1.70
N ILE A 19 -30.11 4.35 1.27
CA ILE A 19 -29.86 3.11 1.99
C ILE A 19 -29.40 3.39 3.43
N LYS A 20 -28.65 4.49 3.63
CA LYS A 20 -28.10 4.76 4.96
C LYS A 20 -29.19 5.11 5.96
N GLN A 21 -30.28 5.72 5.51
CA GLN A 21 -31.44 5.94 6.37
C GLN A 21 -32.16 4.67 6.75
N GLY A 22 -31.79 3.51 6.20
CA GLY A 22 -32.54 2.29 6.36
C GLY A 22 -32.51 1.76 7.78
N PRO A 23 -33.38 0.79 8.07
CA PRO A 23 -33.41 0.20 9.41
C PRO A 23 -32.07 -0.42 9.78
N LYS A 24 -31.63 -0.16 11.00
CA LYS A 24 -30.36 -0.69 11.50
C LYS A 24 -30.59 -2.00 12.24
N ARG A 25 -29.65 -2.93 12.11
CA ARG A 25 -29.84 -4.24 12.70
C ARG A 25 -29.86 -4.13 14.23
N PRO A 26 -30.65 -4.96 14.90
CA PRO A 26 -30.76 -4.83 16.36
C PRO A 26 -29.44 -5.23 17.01
N THR A 27 -29.39 -4.98 18.32
CA THR A 27 -28.20 -5.33 19.05
C THR A 27 -28.21 -6.81 19.42
N SER A 28 -27.08 -7.28 19.97
CA SER A 28 -27.00 -8.68 20.35
C SER A 28 -27.80 -8.96 21.63
N ALA A 29 -27.95 -10.24 21.96
CA ALA A 29 -28.59 -10.57 23.23
C ALA A 29 -27.69 -10.22 24.40
N TYR A 30 -26.37 -10.35 24.22
CA TYR A 30 -25.46 -9.97 25.30
C TYR A 30 -25.65 -8.52 25.70
N PHE A 31 -25.92 -7.63 24.73
CA PHE A 31 -25.95 -6.21 25.03
C PHE A 31 -27.24 -5.81 25.73
N LEU A 32 -28.34 -6.48 25.38
CA LEU A 32 -29.56 -6.34 26.16
C LEU A 32 -29.31 -6.68 27.61
N TYR A 33 -28.64 -7.81 27.85
CA TYR A 33 -28.33 -8.23 29.21
C TYR A 33 -27.34 -7.26 29.85
N LEU A 34 -26.35 -6.80 29.09
CA LEU A 34 -25.40 -5.83 29.60
C LEU A 34 -26.11 -4.55 30.07
N GLN A 35 -26.85 -3.91 29.18
CA GLN A 35 -27.51 -2.66 29.55
C GLN A 35 -28.39 -2.84 30.78
N ASP A 36 -28.94 -4.03 30.99
CA ASP A 36 -29.81 -4.28 32.13
C ASP A 36 -29.03 -4.34 33.43
N HIS A 37 -27.80 -4.85 33.39
CA HIS A 37 -27.05 -5.15 34.60
C HIS A 37 -25.77 -4.33 34.70
N ARG A 38 -25.62 -3.28 33.88
CA ARG A 38 -24.39 -2.48 33.88
C ARG A 38 -24.06 -1.72 35.15
N SER A 39 -25.01 -0.98 35.68
CA SER A 39 -24.79 -0.29 36.96
C SER A 39 -24.56 -1.27 38.09
N GLN A 40 -25.13 -2.47 38.01
CA GLN A 40 -24.92 -3.44 39.07
C GLN A 40 -23.47 -3.87 39.11
N PHE A 41 -22.86 -4.09 37.95
CA PHE A 41 -21.48 -4.54 37.90
C PHE A 41 -20.53 -3.48 38.44
N VAL A 42 -20.73 -2.22 38.04
CA VAL A 42 -19.82 -1.17 38.50
C VAL A 42 -19.88 -1.05 40.02
N LYS A 43 -21.07 -1.18 40.61
CA LYS A 43 -21.15 -1.05 42.06
C LYS A 43 -20.51 -2.26 42.75
N GLU A 44 -20.59 -3.42 42.11
CA GLU A 44 -19.85 -4.59 42.57
C GLU A 44 -18.36 -4.42 42.35
N ASN A 45 -17.96 -3.61 41.37
CA ASN A 45 -16.56 -3.45 41.00
C ASN A 45 -16.25 -1.98 40.80
N PRO A 46 -16.22 -1.20 41.88
CA PRO A 46 -16.13 0.26 41.69
C PRO A 46 -14.78 0.68 41.17
N THR A 47 -13.77 -0.15 41.43
CA THR A 47 -12.40 0.15 41.03
C THR A 47 -12.16 -0.11 39.54
N LEU A 48 -12.96 -0.96 38.90
CA LEU A 48 -12.60 -1.48 37.58
C LEU A 48 -12.84 -0.44 36.49
N ARG A 49 -11.99 -0.48 35.47
CA ARG A 49 -12.11 0.42 34.35
C ARG A 49 -13.34 0.08 33.53
N PRO A 50 -13.78 1.00 32.67
CA PRO A 50 -14.88 0.66 31.74
C PRO A 50 -14.62 -0.61 30.96
N ALA A 51 -13.44 -0.75 30.34
CA ALA A 51 -13.17 -1.95 29.57
C ALA A 51 -13.12 -3.18 30.47
N GLU A 52 -12.70 -3.00 31.72
CA GLU A 52 -12.60 -4.16 32.61
C GLU A 52 -13.99 -4.72 32.91
N ILE A 53 -14.99 -3.84 32.97
CA ILE A 53 -16.32 -4.24 33.42
C ILE A 53 -17.06 -4.99 32.30
N SER A 54 -16.88 -4.53 31.06
CA SER A 54 -17.31 -5.29 29.89
C SER A 54 -16.85 -6.74 29.96
N LYS A 55 -15.61 -6.98 30.36
CA LYS A 55 -15.14 -8.35 30.47
C LYS A 55 -15.84 -9.08 31.60
N ILE A 56 -15.96 -8.43 32.76
CA ILE A 56 -16.72 -9.05 33.85
C ILE A 56 -18.11 -9.43 33.35
N ALA A 57 -18.76 -8.53 32.61
CA ALA A 57 -20.09 -8.85 32.11
C ALA A 57 -20.06 -10.04 31.17
N GLY A 58 -19.02 -10.16 30.34
CA GLY A 58 -18.94 -11.29 29.44
C GLY A 58 -18.83 -12.60 30.19
N GLU A 59 -17.99 -12.64 31.22
CA GLU A 59 -17.86 -13.85 32.01
C GLU A 59 -19.18 -14.19 32.70
N LYS A 60 -19.88 -13.18 33.20
CA LYS A 60 -21.20 -13.42 33.75
C LYS A 60 -22.13 -13.99 32.68
N TRP A 61 -22.03 -13.44 31.46
CA TRP A 61 -22.88 -13.89 30.38
C TRP A 61 -22.61 -15.35 30.02
N GLN A 62 -21.33 -15.74 29.93
CA GLN A 62 -21.03 -17.11 29.58
C GLN A 62 -21.62 -18.09 30.60
N ASN A 63 -21.49 -17.79 31.89
CA ASN A 63 -21.97 -18.66 32.95
C ASN A 63 -23.39 -18.34 33.40
N LEU A 64 -24.12 -17.50 32.67
CA LEU A 64 -25.45 -17.11 33.12
C LEU A 64 -26.42 -18.28 33.07
N GLU A 65 -27.33 -18.33 34.05
CA GLU A 65 -28.39 -19.34 34.03
C GLU A 65 -29.01 -19.39 32.63
N ALA A 66 -29.21 -20.59 32.12
CA ALA A 66 -29.63 -20.69 30.73
C ALA A 66 -31.09 -20.32 30.53
N ASP A 67 -31.94 -20.50 31.56
CA ASP A 67 -33.33 -20.10 31.41
C ASP A 67 -33.47 -18.58 31.25
N ILE A 68 -32.73 -17.80 32.06
CA ILE A 68 -32.76 -16.36 31.88
C ILE A 68 -31.92 -15.94 30.67
N LYS A 69 -30.83 -16.67 30.39
CA LYS A 69 -30.01 -16.34 29.23
C LYS A 69 -30.83 -16.46 27.95
N GLU A 70 -31.64 -17.53 27.83
CA GLU A 70 -32.52 -17.67 26.67
C GLU A 70 -33.58 -16.57 26.62
N LYS A 71 -33.90 -15.96 27.77
CA LYS A 71 -34.86 -14.87 27.77
C LYS A 71 -34.40 -13.74 26.85
N TYR A 72 -33.13 -13.35 26.97
CA TYR A 72 -32.60 -12.32 26.07
C TYR A 72 -32.51 -12.83 24.65
N ILE A 73 -31.99 -14.05 24.47
CA ILE A 73 -31.96 -14.67 23.16
C ILE A 73 -33.32 -14.56 22.48
N SER A 74 -34.40 -14.86 23.21
CA SER A 74 -35.72 -14.81 22.60
C SER A 74 -36.14 -13.39 22.33
N GLU A 75 -35.78 -12.46 23.22
CA GLU A 75 -36.05 -11.05 22.98
C GLU A 75 -35.29 -10.57 21.75
N ARG A 76 -33.99 -10.89 21.69
CA ARG A 76 -33.20 -10.58 20.51
C ARG A 76 -33.85 -11.17 19.26
N LYS A 77 -34.44 -12.35 19.38
CA LYS A 77 -35.08 -12.94 18.21
C LYS A 77 -36.31 -12.13 17.82
N LYS A 78 -37.03 -11.60 18.81
CA LYS A 78 -38.18 -10.76 18.52
C LYS A 78 -37.75 -9.49 17.79
N LEU A 79 -36.65 -8.88 18.23
CA LEU A 79 -36.22 -7.61 17.66
C LEU A 79 -35.67 -7.81 16.25
N TYR A 80 -34.94 -8.91 16.02
CA TYR A 80 -34.40 -9.15 14.69
C TYR A 80 -35.51 -9.39 13.67
N SER A 81 -36.59 -10.05 14.09
CA SER A 81 -37.73 -10.21 13.20
C SER A 81 -38.32 -8.86 12.83
N GLU A 82 -38.46 -7.96 13.81
CA GLU A 82 -38.93 -6.61 13.53
C GLU A 82 -38.00 -5.91 12.54
N TYR A 83 -36.69 -6.00 12.78
CA TYR A 83 -35.71 -5.42 11.86
C TYR A 83 -35.85 -6.03 10.48
N GLN A 84 -36.09 -7.34 10.41
CA GLN A 84 -36.22 -8.00 9.12
C GLN A 84 -37.44 -7.49 8.37
N LYS A 85 -38.56 -7.33 9.07
CA LYS A 85 -39.75 -6.83 8.41
C LYS A 85 -39.56 -5.40 7.95
N ALA A 86 -38.79 -4.61 8.71
CA ALA A 86 -38.54 -3.23 8.31
C ALA A 86 -37.71 -3.17 7.05
N LYS A 87 -36.67 -4.01 6.96
CA LYS A 87 -35.81 -4.01 5.79
C LYS A 87 -36.59 -4.39 4.53
N LYS A 88 -37.38 -5.46 4.59
CA LYS A 88 -38.21 -5.85 3.46
C LYS A 88 -39.05 -4.68 2.99
N GLU A 89 -39.85 -4.09 3.88
CA GLU A 89 -40.72 -2.99 3.50
C GLU A 89 -39.91 -1.78 3.05
N PHE A 90 -38.79 -1.52 3.72
CA PHE A 90 -37.96 -0.38 3.33
C PHE A 90 -37.30 -0.63 1.97
N ASP A 91 -36.70 -1.81 1.79
CA ASP A 91 -36.00 -2.06 0.53
C ASP A 91 -36.97 -2.11 -0.65
N GLU A 92 -38.18 -2.62 -0.45
CA GLU A 92 -39.15 -2.64 -1.54
C GLU A 92 -39.54 -1.22 -1.96
N LYS A 93 -39.43 -0.25 -1.03
CA LYS A 93 -39.82 1.13 -1.33
C LYS A 93 -38.71 1.92 -2.03
N LEU A 94 -37.47 1.42 -2.04
CA LEU A 94 -36.41 2.24 -2.58
C LEU A 94 -36.30 2.04 -4.10
N PRO A 95 -35.65 2.96 -4.80
CA PRO A 95 -35.53 2.82 -6.26
C PRO A 95 -34.85 1.50 -6.61
N PRO A 96 -35.13 0.98 -7.80
CA PRO A 96 -34.62 -0.36 -8.14
C PRO A 96 -33.15 -0.34 -8.55
N LYS A 97 -32.51 -1.48 -8.33
CA LYS A 97 -31.18 -1.68 -8.86
C LYS A 97 -31.23 -1.71 -10.39
N LYS A 98 -30.11 -1.34 -11.00
CA LYS A 98 -30.01 -1.41 -12.45
C LYS A 98 -30.28 -2.85 -12.91
N PRO A 99 -30.87 -3.03 -14.09
CA PRO A 99 -31.05 -4.39 -14.61
C PRO A 99 -29.71 -5.04 -14.91
N ALA A 100 -29.65 -6.35 -14.65
CA ALA A 100 -28.42 -7.11 -14.80
C ALA A 100 -27.98 -7.21 -16.25
N GLY A 101 -26.67 -7.33 -16.45
CA GLY A 101 -26.08 -7.45 -17.76
C GLY A 101 -26.50 -8.70 -18.49
N PRO A 102 -26.39 -8.69 -19.82
CA PRO A 102 -26.79 -9.88 -20.60
C PRO A 102 -26.08 -11.15 -20.16
N PHE A 103 -24.75 -11.11 -20.05
CA PHE A 103 -24.00 -12.30 -19.66
C PHE A 103 -24.47 -12.84 -18.31
N ILE A 104 -24.87 -11.96 -17.40
CA ILE A 104 -25.26 -12.40 -16.07
C ILE A 104 -26.49 -13.30 -16.13
N LYS A 105 -27.49 -12.90 -16.93
CA LYS A 105 -28.70 -13.70 -17.07
C LYS A 105 -28.40 -15.00 -17.80
N TYR A 106 -27.52 -14.96 -18.81
CA TYR A 106 -27.06 -16.20 -19.41
C TYR A 106 -26.44 -17.08 -18.35
N ALA A 107 -25.48 -16.55 -17.60
CA ALA A 107 -24.83 -17.34 -16.56
C ALA A 107 -25.84 -18.01 -15.65
N ASN A 108 -26.85 -17.26 -15.21
CA ASN A 108 -27.84 -17.83 -14.33
C ASN A 108 -28.67 -18.96 -14.93
N GLU A 109 -29.05 -18.81 -16.20
CA GLU A 109 -29.84 -19.85 -16.85
C GLU A 109 -29.04 -21.13 -17.03
N VAL A 110 -27.77 -20.99 -17.40
CA VAL A 110 -26.94 -22.16 -17.71
C VAL A 110 -26.12 -22.62 -16.50
N ARG A 111 -26.19 -21.91 -15.37
CA ARG A 111 -25.34 -22.24 -14.22
C ARG A 111 -25.55 -23.69 -13.78
N SER A 112 -26.81 -24.10 -13.61
CA SER A 112 -27.10 -25.46 -13.16
C SER A 112 -26.41 -26.50 -14.03
N GLN A 113 -26.60 -26.41 -15.35
CA GLN A 113 -25.98 -27.39 -16.24
C GLN A 113 -24.46 -27.35 -16.11
N VAL A 114 -23.85 -26.16 -16.21
CA VAL A 114 -22.40 -26.09 -16.15
C VAL A 114 -21.88 -26.68 -14.84
N PHE A 115 -22.56 -26.40 -13.72
CA PHE A 115 -22.05 -26.91 -12.45
C PHE A 115 -22.08 -28.43 -12.41
N ALA A 116 -23.13 -29.05 -12.97
CA ALA A 116 -23.16 -30.50 -13.01
C ALA A 116 -21.97 -31.05 -13.79
N GLN A 117 -21.56 -30.39 -14.87
CA GLN A 117 -20.37 -30.84 -15.59
C GLN A 117 -19.13 -30.74 -14.71
N HIS A 118 -19.03 -29.69 -13.91
CA HIS A 118 -17.83 -29.45 -13.09
C HIS A 118 -18.20 -29.31 -11.62
N PRO A 119 -18.38 -30.42 -10.88
CA PRO A 119 -18.76 -30.31 -9.47
C PRO A 119 -17.60 -30.01 -8.53
N ASP A 120 -16.38 -29.92 -9.07
CA ASP A 120 -15.16 -29.68 -8.33
C ASP A 120 -14.76 -28.21 -8.34
N LYS A 121 -15.64 -27.32 -8.80
CA LYS A 121 -15.30 -25.93 -9.08
C LYS A 121 -16.09 -24.97 -8.20
N SER A 122 -15.42 -23.89 -7.81
CA SER A 122 -16.05 -22.81 -7.06
C SER A 122 -16.87 -21.93 -7.98
N GLN A 123 -17.68 -21.07 -7.36
CA GLN A 123 -18.45 -20.09 -8.12
C GLN A 123 -17.54 -19.23 -8.99
N LEU A 124 -16.40 -18.82 -8.44
CA LEU A 124 -15.47 -17.98 -9.18
C LEU A 124 -14.95 -18.72 -10.42
N ASP A 125 -14.50 -19.97 -10.24
CA ASP A 125 -14.04 -20.75 -11.39
C ASP A 125 -15.16 -20.99 -12.39
N LEU A 126 -16.33 -21.39 -11.91
CA LEU A 126 -17.44 -21.68 -12.82
C LEU A 126 -17.75 -20.47 -13.70
N MET A 127 -17.64 -19.27 -13.13
CA MET A 127 -17.94 -18.07 -13.91
C MET A 127 -16.93 -17.89 -15.04
N LYS A 128 -15.66 -18.22 -14.80
CA LYS A 128 -14.70 -18.21 -15.89
C LYS A 128 -15.08 -19.24 -16.96
N ILE A 129 -15.57 -20.40 -16.55
CA ILE A 129 -16.04 -21.37 -17.56
C ILE A 129 -17.22 -20.77 -18.32
N ILE A 130 -18.21 -20.22 -17.59
CA ILE A 130 -19.37 -19.66 -18.26
C ILE A 130 -18.97 -18.48 -19.14
N GLY A 131 -17.97 -17.72 -18.70
CA GLY A 131 -17.48 -16.62 -19.51
C GLY A 131 -16.84 -17.12 -20.81
N ASP A 132 -16.20 -18.26 -20.76
CA ASP A 132 -15.74 -18.86 -22.00
C ASP A 132 -16.91 -19.31 -22.85
N LYS A 133 -17.98 -19.78 -22.22
CA LYS A 133 -19.10 -20.25 -23.02
C LYS A 133 -19.77 -19.10 -23.73
N TRP A 134 -19.92 -17.96 -23.05
CA TRP A 134 -20.49 -16.79 -23.70
C TRP A 134 -19.63 -16.34 -24.89
N GLN A 135 -18.31 -16.51 -24.79
CA GLN A 135 -17.47 -16.05 -25.88
C GLN A 135 -17.75 -16.85 -27.15
N SER A 136 -17.95 -18.16 -27.00
CA SER A 136 -18.24 -19.03 -28.14
C SER A 136 -19.73 -19.10 -28.43
N LEU A 137 -20.57 -18.54 -27.56
CA LEU A 137 -22.01 -18.55 -27.77
C LEU A 137 -22.34 -18.01 -29.15
N ASP A 138 -23.34 -18.62 -29.78
CA ASP A 138 -23.76 -18.19 -31.11
C ASP A 138 -24.22 -16.73 -31.07
N GLN A 139 -24.01 -16.02 -32.19
CA GLN A 139 -24.36 -14.61 -32.23
C GLN A 139 -25.86 -14.42 -32.11
N SER A 140 -26.64 -15.29 -32.75
CA SER A 140 -28.09 -15.20 -32.66
C SER A 140 -28.56 -15.42 -31.23
N ILE A 141 -27.84 -16.26 -30.48
CA ILE A 141 -28.18 -16.49 -29.09
C ILE A 141 -27.75 -15.28 -28.26
N LYS A 142 -26.52 -14.80 -28.49
CA LYS A 142 -26.02 -13.63 -27.78
C LYS A 142 -26.93 -12.44 -27.99
N ASP A 143 -27.50 -12.30 -29.19
CA ASP A 143 -28.41 -11.20 -29.43
C ASP A 143 -29.65 -11.31 -28.56
N LYS A 144 -30.13 -12.54 -28.34
CA LYS A 144 -31.34 -12.76 -27.54
C LYS A 144 -31.22 -12.12 -26.17
N TYR A 145 -30.15 -12.44 -25.45
CA TYR A 145 -29.93 -11.80 -24.15
C TYR A 145 -29.71 -10.31 -24.32
N ILE A 146 -28.87 -9.90 -25.28
CA ILE A 146 -28.59 -8.48 -25.50
C ILE A 146 -29.87 -7.72 -25.80
N GLN A 147 -30.73 -8.23 -26.70
CA GLN A 147 -32.02 -7.58 -26.94
C GLN A 147 -32.86 -7.57 -25.67
N GLU A 148 -32.82 -8.66 -24.91
CA GLU A 148 -33.59 -8.74 -23.67
C GLU A 148 -33.14 -7.69 -22.66
N TYR A 149 -31.83 -7.48 -22.55
CA TYR A 149 -31.30 -6.51 -21.60
C TYR A 149 -31.71 -5.10 -21.99
N LYS A 150 -31.67 -4.78 -23.28
CA LYS A 150 -31.99 -3.43 -23.73
C LYS A 150 -33.42 -3.05 -23.34
N LYS A 151 -34.34 -3.98 -23.49
CA LYS A 151 -35.71 -3.71 -23.12
C LYS A 151 -35.84 -3.48 -21.61
N ALA A 152 -34.91 -4.04 -20.84
CA ALA A 152 -34.98 -3.95 -19.38
C ALA A 152 -34.50 -2.58 -18.90
N ILE A 153 -33.31 -2.16 -19.34
CA ILE A 153 -32.82 -0.83 -18.98
C ILE A 153 -33.74 0.23 -19.55
N GLN A 154 -34.26 0.02 -20.75
CA GLN A 154 -35.13 1.03 -21.33
C GLN A 154 -36.40 1.16 -20.51
N GLU A 155 -36.92 0.03 -20.02
CA GLU A 155 -38.04 0.05 -19.10
C GLU A 155 -37.61 0.58 -17.75
N TYR A 156 -36.41 0.23 -17.31
CA TYR A 156 -35.87 0.77 -16.06
C TYR A 156 -35.83 2.28 -16.10
N ASN A 157 -35.31 2.86 -17.19
CA ASN A 157 -35.22 4.32 -17.27
C ASN A 157 -36.60 4.97 -17.27
N ALA A 158 -37.60 4.29 -17.83
CA ALA A 158 -38.95 4.85 -17.81
C ALA A 158 -39.50 4.91 -16.40
N ARG A 159 -39.33 3.82 -15.64
CA ARG A 159 -39.87 3.77 -14.28
C ARG A 159 -39.04 4.61 -13.30
N TYR A 160 -37.74 4.70 -13.53
CA TYR A 160 -36.84 5.45 -12.65
C TYR A 160 -36.08 6.49 -13.48
N PRO A 161 -36.73 7.58 -13.88
CA PRO A 161 -36.05 8.58 -14.70
C PRO A 161 -35.14 9.46 -13.86
N LEU A 162 -34.05 9.91 -14.47
CA LEU A 162 -33.09 10.76 -13.76
C LEU A 162 -33.64 12.17 -13.57
N LYS D 7 -6.69 14.38 10.98
CA LYS D 7 -8.14 14.26 10.93
C LYS D 7 -8.79 15.44 11.62
N ALA D 8 -9.35 16.35 10.83
CA ALA D 8 -9.99 17.51 11.40
C ALA D 8 -11.07 17.15 12.40
N SER D 9 -11.16 17.99 13.44
CA SER D 9 -12.13 17.85 14.49
C SER D 9 -13.41 18.55 14.07
N LYS D 10 -14.34 18.70 15.00
CA LYS D 10 -15.61 19.33 14.69
C LYS D 10 -15.51 20.78 14.22
N ARG D 11 -14.66 21.57 14.86
CA ARG D 11 -14.56 22.98 14.46
C ARG D 11 -13.73 23.15 13.20
N THR D 12 -12.71 22.32 12.99
CA THR D 12 -11.92 22.46 11.77
C THR D 12 -12.72 22.03 10.55
N GLN D 13 -13.46 20.92 10.67
CA GLN D 13 -14.43 20.57 9.64
C GLN D 13 -15.31 21.76 9.30
N LEU D 14 -15.89 22.39 10.32
CA LEU D 14 -16.75 23.55 10.09
C LEU D 14 -16.01 24.63 9.31
N ARG D 15 -14.86 25.08 9.84
CA ARG D 15 -14.06 26.06 9.11
C ARG D 15 -13.74 25.58 7.71
N ASN D 16 -13.14 24.39 7.59
CA ASN D 16 -12.84 23.82 6.28
C ASN D 16 -14.08 23.86 5.39
N GLU D 17 -15.21 23.34 5.88
CA GLU D 17 -16.44 23.41 5.12
C GLU D 17 -16.85 24.86 4.88
N LEU D 18 -16.66 25.73 5.87
CA LEU D 18 -16.98 27.15 5.69
C LEU D 18 -16.03 27.81 4.72
N ILE D 19 -14.72 27.54 4.86
CA ILE D 19 -13.74 28.06 3.93
C ILE D 19 -14.05 27.61 2.51
N LYS D 20 -14.55 26.38 2.36
CA LYS D 20 -14.83 25.85 1.03
C LYS D 20 -15.85 26.70 0.28
N GLN D 21 -16.88 27.18 0.97
CA GLN D 21 -17.86 28.07 0.35
C GLN D 21 -17.36 29.49 0.22
N GLY D 22 -16.19 29.81 0.74
CA GLY D 22 -15.61 31.12 0.59
C GLY D 22 -15.30 31.43 -0.86
N PRO D 23 -14.85 32.65 -1.13
CA PRO D 23 -14.52 33.03 -2.51
C PRO D 23 -13.45 32.12 -3.10
N LYS D 24 -13.65 31.73 -4.34
CA LYS D 24 -12.68 30.87 -5.00
C LYS D 24 -11.64 31.68 -5.76
N ARG D 25 -10.43 31.15 -5.84
CA ARG D 25 -9.36 31.82 -6.56
C ARG D 25 -9.78 32.06 -8.02
N PRO D 26 -9.42 33.20 -8.58
CA PRO D 26 -9.82 33.49 -9.97
C PRO D 26 -9.06 32.63 -10.96
N THR D 27 -9.63 32.52 -12.14
CA THR D 27 -9.05 31.72 -13.21
C THR D 27 -7.69 32.26 -13.63
N SER D 28 -6.89 31.39 -14.24
CA SER D 28 -5.57 31.78 -14.71
C SER D 28 -5.68 32.75 -15.88
N ALA D 29 -4.64 33.58 -16.03
CA ALA D 29 -4.65 34.57 -17.12
C ALA D 29 -4.69 33.88 -18.47
N TYR D 30 -3.86 32.84 -18.66
CA TYR D 30 -3.94 31.99 -19.84
C TYR D 30 -5.38 31.54 -20.11
N PHE D 31 -6.06 31.08 -19.06
CA PHE D 31 -7.37 30.47 -19.26
C PHE D 31 -8.37 31.47 -19.79
N LEU D 32 -8.20 32.74 -19.43
CA LEU D 32 -9.06 33.77 -19.99
C LEU D 32 -8.83 33.87 -21.48
N TYR D 33 -7.56 33.85 -21.90
CA TYR D 33 -7.22 33.81 -23.31
C TYR D 33 -7.72 32.52 -23.96
N LEU D 34 -7.70 31.41 -23.21
CA LEU D 34 -8.16 30.15 -23.78
C LEU D 34 -9.65 30.20 -24.07
N GLN D 35 -10.43 30.79 -23.16
CA GLN D 35 -11.88 30.85 -23.38
C GLN D 35 -12.22 31.63 -24.65
N ASP D 36 -11.47 32.71 -24.93
CA ASP D 36 -11.80 33.53 -26.09
C ASP D 36 -11.53 32.79 -27.39
N HIS D 37 -10.44 32.02 -27.44
CA HIS D 37 -10.04 31.36 -28.66
C HIS D 37 -10.31 29.86 -28.60
N ARG D 38 -11.07 29.42 -27.60
CA ARG D 38 -11.49 28.03 -27.52
C ARG D 38 -12.42 27.66 -28.65
N SER D 39 -13.45 28.49 -28.88
CA SER D 39 -14.40 28.21 -29.94
C SER D 39 -13.75 28.33 -31.31
N GLN D 40 -13.08 29.45 -31.55
CA GLN D 40 -12.27 29.57 -32.75
C GLN D 40 -11.34 28.37 -32.89
N PHE D 41 -10.65 27.99 -31.81
CA PHE D 41 -9.69 26.90 -31.94
C PHE D 41 -10.38 25.60 -32.32
N VAL D 42 -11.56 25.35 -31.79
CA VAL D 42 -12.32 24.19 -32.23
C VAL D 42 -12.65 24.34 -33.70
N LYS D 43 -13.06 25.54 -34.12
CA LYS D 43 -13.22 25.81 -35.54
C LYS D 43 -11.90 25.65 -36.29
N GLU D 44 -10.76 25.98 -35.66
CA GLU D 44 -9.49 25.74 -36.35
C GLU D 44 -9.31 24.26 -36.64
N ASN D 45 -9.56 23.40 -35.64
CA ASN D 45 -9.40 21.96 -35.79
C ASN D 45 -10.46 21.14 -35.06
N PRO D 46 -11.35 20.39 -35.77
CA PRO D 46 -12.16 19.38 -35.07
C PRO D 46 -11.52 17.99 -34.98
N THR D 47 -10.39 17.77 -35.64
CA THR D 47 -9.85 16.41 -35.72
C THR D 47 -9.09 16.04 -34.44
N LEU D 48 -8.35 16.99 -33.88
CA LEU D 48 -7.43 16.70 -32.79
C LEU D 48 -8.18 16.58 -31.46
N ARG D 49 -7.60 15.79 -30.55
CA ARG D 49 -8.26 15.47 -29.29
C ARG D 49 -8.38 16.72 -28.42
N PRO D 50 -9.30 16.72 -27.46
CA PRO D 50 -9.36 17.87 -26.53
C PRO D 50 -8.07 18.04 -25.75
N ALA D 51 -7.42 16.92 -25.41
CA ALA D 51 -6.07 16.99 -24.85
C ALA D 51 -5.11 17.62 -25.84
N GLU D 52 -5.20 17.25 -27.11
CA GLU D 52 -4.39 17.90 -28.14
C GLU D 52 -4.73 19.37 -28.25
N ILE D 53 -6.02 19.69 -28.19
CA ILE D 53 -6.47 21.08 -28.22
C ILE D 53 -5.61 21.94 -27.30
N SER D 54 -5.48 21.54 -26.03
CA SER D 54 -4.84 22.42 -25.07
C SER D 54 -3.33 22.48 -25.26
N LYS D 55 -2.73 21.42 -25.81
CA LYS D 55 -1.29 21.42 -26.01
C LYS D 55 -0.87 22.46 -27.05
N ILE D 56 -1.53 22.46 -28.22
CA ILE D 56 -1.30 23.48 -29.23
C ILE D 56 -1.70 24.85 -28.71
N ALA D 57 -2.84 24.92 -28.05
CA ALA D 57 -3.31 26.19 -27.52
C ALA D 57 -2.31 26.72 -26.50
N GLY D 58 -1.74 25.85 -25.69
CA GLY D 58 -0.78 26.29 -24.71
C GLY D 58 0.34 27.11 -25.31
N GLU D 59 0.84 26.69 -26.47
CA GLU D 59 1.97 27.38 -27.07
C GLU D 59 1.56 28.64 -27.81
N LYS D 60 0.26 28.81 -28.09
CA LYS D 60 -0.22 30.11 -28.51
C LYS D 60 0.04 31.16 -27.47
N TRP D 61 -0.27 30.86 -26.20
CA TRP D 61 -0.18 31.86 -25.14
C TRP D 61 1.24 32.42 -25.03
N GLN D 62 2.25 31.54 -25.03
CA GLN D 62 3.62 32.02 -25.07
C GLN D 62 3.85 32.90 -26.28
N ASN D 63 3.12 32.66 -27.35
CA ASN D 63 3.41 33.27 -28.63
C ASN D 63 2.80 34.67 -28.76
N LEU D 64 1.69 34.93 -28.05
CA LEU D 64 0.95 36.18 -28.24
C LEU D 64 1.83 37.39 -28.06
N GLU D 65 1.63 38.37 -28.92
CA GLU D 65 2.27 39.66 -28.76
C GLU D 65 1.91 40.24 -27.41
N ALA D 66 2.82 41.07 -26.89
CA ALA D 66 2.68 41.53 -25.51
C ALA D 66 1.40 42.33 -25.31
N ASP D 67 0.96 43.05 -26.35
CA ASP D 67 -0.22 43.91 -26.22
C ASP D 67 -1.45 43.11 -25.82
N ILE D 68 -1.76 42.04 -26.56
CA ILE D 68 -2.91 41.20 -26.25
C ILE D 68 -2.64 40.35 -25.01
N LYS D 69 -1.45 39.77 -24.95
CA LYS D 69 -1.10 38.94 -23.82
C LYS D 69 -1.22 39.72 -22.52
N GLU D 70 -0.38 40.73 -22.38
CA GLU D 70 -0.40 41.57 -21.19
C GLU D 70 -1.81 41.95 -20.78
N LYS D 71 -2.67 42.21 -21.75
CA LYS D 71 -4.04 42.58 -21.44
C LYS D 71 -4.62 41.53 -20.50
N TYR D 72 -4.66 40.30 -20.98
CA TYR D 72 -5.18 39.20 -20.18
C TYR D 72 -4.52 39.22 -18.81
N ILE D 73 -3.19 39.21 -18.81
CA ILE D 73 -2.44 39.23 -17.55
C ILE D 73 -2.97 40.33 -16.65
N SER D 74 -3.04 41.56 -17.17
CA SER D 74 -3.57 42.67 -16.40
C SER D 74 -4.99 42.38 -15.92
N GLU D 75 -5.83 41.83 -16.78
CA GLU D 75 -7.18 41.49 -16.35
C GLU D 75 -7.14 40.48 -15.20
N ARG D 76 -6.21 39.53 -15.27
CA ARG D 76 -6.04 38.59 -14.16
C ARG D 76 -5.59 39.31 -12.90
N LYS D 77 -4.61 40.21 -13.03
CA LYS D 77 -4.20 41.04 -11.89
C LYS D 77 -5.40 41.71 -11.25
N LYS D 78 -6.26 42.34 -12.05
CA LYS D 78 -7.44 43.01 -11.52
C LYS D 78 -8.39 42.00 -10.86
N LEU D 79 -8.59 40.85 -11.51
CA LEU D 79 -9.47 39.83 -10.95
C LEU D 79 -8.92 39.29 -9.65
N TYR D 80 -7.62 39.03 -9.59
CA TYR D 80 -7.09 38.50 -8.36
C TYR D 80 -7.26 39.50 -7.22
N SER D 81 -7.06 40.78 -7.52
CA SER D 81 -7.19 41.79 -6.49
C SER D 81 -8.61 41.80 -5.92
N GLU D 82 -9.61 41.68 -6.78
CA GLU D 82 -10.99 41.63 -6.30
C GLU D 82 -11.20 40.44 -5.38
N TYR D 83 -10.63 39.28 -5.77
CA TYR D 83 -10.71 38.08 -4.95
C TYR D 83 -10.01 38.28 -3.61
N GLN D 84 -8.82 38.87 -3.61
CA GLN D 84 -8.07 38.98 -2.36
C GLN D 84 -8.74 39.92 -1.39
N LYS D 85 -9.44 40.95 -1.87
CA LYS D 85 -10.25 41.73 -0.94
C LYS D 85 -11.32 40.85 -0.34
N ALA D 86 -12.08 40.13 -1.18
CA ALA D 86 -13.09 39.22 -0.67
C ALA D 86 -12.48 38.21 0.30
N LYS D 87 -11.28 37.71 -0.01
CA LYS D 87 -10.67 36.69 0.84
C LYS D 87 -10.37 37.23 2.22
N LYS D 88 -9.88 38.48 2.30
CA LYS D 88 -9.58 39.06 3.61
C LYS D 88 -10.85 39.29 4.41
N GLU D 89 -11.88 39.86 3.76
CA GLU D 89 -13.12 40.10 4.47
C GLU D 89 -13.81 38.79 4.84
N PHE D 90 -13.73 37.79 3.97
CA PHE D 90 -14.28 36.48 4.31
C PHE D 90 -13.56 35.88 5.51
N ASP D 91 -12.22 35.83 5.47
CA ASP D 91 -11.47 35.15 6.51
C ASP D 91 -11.63 35.83 7.87
N GLU D 92 -11.70 37.17 7.89
CA GLU D 92 -11.90 37.86 9.16
C GLU D 92 -13.24 37.47 9.80
N LYS D 93 -14.27 37.23 8.99
CA LYS D 93 -15.63 37.08 9.54
C LYS D 93 -15.87 35.70 10.16
N LEU D 94 -15.01 34.72 9.87
CA LEU D 94 -15.33 33.34 10.22
C LEU D 94 -14.88 33.03 11.65
N PRO D 95 -15.37 31.94 12.23
CA PRO D 95 -15.16 31.67 13.67
C PRO D 95 -13.68 31.61 14.01
N PRO D 96 -13.29 32.24 15.12
CA PRO D 96 -11.85 32.33 15.44
C PRO D 96 -11.30 31.05 16.03
N LYS D 97 -10.07 30.74 15.66
CA LYS D 97 -9.40 29.61 16.30
C LYS D 97 -9.25 29.88 17.79
N LYS D 98 -8.85 28.83 18.52
CA LYS D 98 -8.63 28.95 19.95
C LYS D 98 -7.32 29.70 20.23
N PRO D 99 -7.20 30.31 21.41
CA PRO D 99 -5.94 30.98 21.75
C PRO D 99 -4.80 29.98 21.77
N ALA D 100 -3.63 30.43 21.35
CA ALA D 100 -2.46 29.58 21.37
C ALA D 100 -2.10 29.20 22.80
N GLY D 101 -1.44 28.05 22.95
CA GLY D 101 -1.02 27.57 24.24
C GLY D 101 0.12 28.35 24.87
N PRO D 102 0.41 28.05 26.15
CA PRO D 102 1.51 28.74 26.84
C PRO D 102 2.86 28.69 26.12
N PHE D 103 3.26 27.53 25.61
CA PHE D 103 4.56 27.45 24.93
C PHE D 103 4.57 28.26 23.65
N ILE D 104 3.46 28.27 22.91
CA ILE D 104 3.45 29.00 21.67
C ILE D 104 3.67 30.48 21.89
N LYS D 105 2.98 31.08 22.85
CA LYS D 105 3.10 32.51 23.10
C LYS D 105 4.52 32.80 23.51
N TYR D 106 5.08 31.87 24.28
CA TYR D 106 6.43 32.11 24.76
C TYR D 106 7.37 32.11 23.56
N ALA D 107 7.39 30.99 22.82
CA ALA D 107 8.16 30.92 21.59
C ALA D 107 7.97 32.16 20.74
N ASN D 108 6.71 32.62 20.58
CA ASN D 108 6.50 33.81 19.79
C ASN D 108 7.23 35.02 20.36
N GLU D 109 7.41 35.09 21.68
CA GLU D 109 8.07 36.28 22.20
C GLU D 109 9.59 36.21 22.00
N VAL D 110 10.18 35.04 22.18
CA VAL D 110 11.64 34.89 22.18
C VAL D 110 12.20 34.44 20.84
N ARG D 111 11.35 34.09 19.88
CA ARG D 111 11.89 33.58 18.63
C ARG D 111 12.86 34.58 18.03
N SER D 112 12.54 35.88 18.15
CA SER D 112 13.35 36.90 17.51
C SER D 112 14.76 36.93 18.08
N GLN D 113 14.90 36.85 19.40
CA GLN D 113 16.23 36.86 19.98
C GLN D 113 16.95 35.54 19.74
N VAL D 114 16.20 34.43 19.75
CA VAL D 114 16.79 33.11 19.54
C VAL D 114 17.31 32.98 18.12
N PHE D 115 16.61 33.58 17.16
CA PHE D 115 17.12 33.56 15.78
C PHE D 115 18.41 34.36 15.66
N ALA D 116 18.45 35.54 16.30
CA ALA D 116 19.67 36.35 16.23
C ALA D 116 20.85 35.62 16.87
N GLN D 117 20.58 34.80 17.89
CA GLN D 117 21.65 34.03 18.53
C GLN D 117 22.01 32.79 17.72
N HIS D 118 21.17 32.42 16.75
CA HIS D 118 21.41 31.25 15.90
C HIS D 118 21.02 31.61 14.47
N PRO D 119 21.86 32.40 13.78
CA PRO D 119 21.50 32.80 12.41
C PRO D 119 21.49 31.65 11.42
N ASP D 120 22.25 30.58 11.69
CA ASP D 120 22.35 29.47 10.74
C ASP D 120 21.08 28.61 10.76
N LYS D 121 20.38 28.57 11.88
CA LYS D 121 19.34 27.57 12.08
C LYS D 121 18.06 27.90 11.32
N SER D 122 17.43 26.87 10.79
CA SER D 122 16.11 27.04 10.22
C SER D 122 15.09 27.24 11.34
N GLN D 123 13.88 27.67 10.97
CA GLN D 123 12.92 27.95 12.04
C GLN D 123 12.47 26.67 12.71
N LEU D 124 12.46 25.55 11.97
CA LEU D 124 12.19 24.26 12.59
C LEU D 124 13.23 23.93 13.66
N ASP D 125 14.50 24.21 13.39
CA ASP D 125 15.52 24.01 14.42
C ASP D 125 15.40 25.05 15.53
N LEU D 126 15.00 26.26 15.19
CA LEU D 126 14.70 27.25 16.22
C LEU D 126 13.63 26.73 17.16
N MET D 127 12.58 26.11 16.60
CA MET D 127 11.50 25.60 17.44
C MET D 127 12.01 24.51 18.35
N LYS D 128 12.84 23.61 17.84
CA LYS D 128 13.49 22.63 18.70
C LYS D 128 14.27 23.32 19.80
N ILE D 129 15.10 24.30 19.45
CA ILE D 129 15.86 25.07 20.44
C ILE D 129 14.94 25.71 21.46
N ILE D 130 13.92 26.43 21.00
CA ILE D 130 13.03 27.13 21.92
C ILE D 130 12.31 26.14 22.81
N GLY D 131 12.01 24.95 22.29
CA GLY D 131 11.45 23.92 23.15
C GLY D 131 12.34 23.64 24.34
N ASP D 132 13.62 23.42 24.09
CA ASP D 132 14.52 23.10 25.20
C ASP D 132 14.72 24.32 26.09
N LYS D 133 14.66 25.52 25.49
CA LYS D 133 14.64 26.73 26.30
C LYS D 133 13.42 26.73 27.21
N TRP D 134 12.25 26.40 26.66
CA TRP D 134 11.05 26.33 27.51
C TRP D 134 11.21 25.26 28.57
N GLN D 135 11.74 24.09 28.20
CA GLN D 135 11.94 23.05 29.20
C GLN D 135 12.76 23.56 30.37
N SER D 136 13.83 24.29 30.08
CA SER D 136 14.73 24.74 31.14
C SER D 136 14.23 25.98 31.86
N LEU D 137 13.14 26.59 31.40
CA LEU D 137 12.60 27.76 32.08
C LEU D 137 12.28 27.44 33.52
N ASP D 138 12.53 28.40 34.41
CA ASP D 138 12.05 28.28 35.78
C ASP D 138 10.53 28.14 35.77
N GLN D 139 10.00 27.41 36.78
CA GLN D 139 8.56 27.26 36.89
C GLN D 139 7.87 28.60 36.89
N SER D 140 8.13 29.44 37.90
CA SER D 140 7.53 30.78 37.97
C SER D 140 7.43 31.46 36.61
N ILE D 141 8.47 31.34 35.77
CA ILE D 141 8.41 31.97 34.45
C ILE D 141 7.37 31.26 33.58
N LYS D 142 7.40 29.92 33.54
CA LYS D 142 6.38 29.17 32.84
C LYS D 142 4.99 29.58 33.28
N ASP D 143 4.76 29.61 34.60
CA ASP D 143 3.44 29.91 35.13
C ASP D 143 2.89 31.20 34.53
N LYS D 144 3.74 32.20 34.38
CA LYS D 144 3.34 33.44 33.74
C LYS D 144 2.68 33.19 32.38
N TYR D 145 3.25 32.27 31.60
CA TYR D 145 2.63 31.95 30.33
C TYR D 145 1.37 31.12 30.54
N ILE D 146 1.42 30.16 31.46
CA ILE D 146 0.25 29.34 31.74
C ILE D 146 -0.89 30.21 32.28
N GLN D 147 -0.60 31.07 33.27
CA GLN D 147 -1.65 31.94 33.79
C GLN D 147 -2.14 32.88 32.71
N GLU D 148 -1.23 33.39 31.87
CA GLU D 148 -1.64 34.27 30.79
C GLU D 148 -2.56 33.55 29.82
N TYR D 149 -2.30 32.27 29.56
CA TYR D 149 -3.19 31.50 28.70
C TYR D 149 -4.57 31.37 29.34
N LYS D 150 -4.61 31.21 30.67
CA LYS D 150 -5.90 31.08 31.36
C LYS D 150 -6.78 32.29 31.09
N LYS D 151 -6.22 33.50 31.21
CA LYS D 151 -6.96 34.70 30.85
C LYS D 151 -7.35 34.66 29.38
N ALA D 152 -6.52 34.06 28.53
CA ALA D 152 -6.77 34.07 27.09
C ALA D 152 -8.01 33.26 26.76
N ILE D 153 -8.06 32.00 27.20
CA ILE D 153 -9.24 31.21 26.94
C ILE D 153 -10.41 31.69 27.80
N GLN D 154 -10.13 32.29 28.96
CA GLN D 154 -11.21 32.85 29.77
C GLN D 154 -11.97 33.92 28.99
N GLU D 155 -11.23 34.91 28.47
CA GLU D 155 -11.85 35.89 27.59
C GLU D 155 -12.47 35.20 26.38
N TYR D 156 -11.80 34.17 25.86
CA TYR D 156 -12.30 33.49 24.68
C TYR D 156 -13.59 32.75 24.97
N ASN D 157 -13.69 32.15 26.16
CA ASN D 157 -14.91 31.44 26.54
C ASN D 157 -16.03 32.42 26.89
N ALA D 158 -15.69 33.50 27.62
CA ALA D 158 -16.73 34.48 27.94
C ALA D 158 -17.18 35.22 26.69
N ARG D 159 -16.26 35.50 25.76
CA ARG D 159 -16.63 36.17 24.51
C ARG D 159 -17.46 35.25 23.63
N TYR D 160 -17.00 34.02 23.44
CA TYR D 160 -17.71 32.99 22.69
C TYR D 160 -18.09 31.88 23.65
N PRO D 161 -19.23 31.98 24.36
CA PRO D 161 -19.65 30.86 25.21
C PRO D 161 -20.10 29.63 24.41
N LYS G 7 16.82 -0.72 0.89
CA LYS G 7 16.91 -2.04 1.50
C LYS G 7 18.06 -2.14 2.50
N ALA G 8 18.92 -3.13 2.33
CA ALA G 8 20.04 -3.30 3.25
C ALA G 8 21.33 -2.93 2.58
N SER G 9 22.23 -2.31 3.33
CA SER G 9 23.51 -1.92 2.78
C SER G 9 24.34 -3.17 2.53
N LYS G 10 25.48 -3.02 1.85
CA LYS G 10 26.28 -4.21 1.58
C LYS G 10 26.87 -4.80 2.85
N ARG G 11 27.42 -3.93 3.71
CA ARG G 11 28.08 -4.39 4.93
C ARG G 11 27.11 -5.12 5.84
N THR G 12 25.90 -4.58 5.97
CA THR G 12 24.89 -5.26 6.76
C THR G 12 24.40 -6.52 6.04
N GLN G 13 24.32 -6.48 4.71
CA GLN G 13 23.87 -7.65 3.95
C GLN G 13 24.77 -8.85 4.22
N LEU G 14 26.08 -8.66 4.16
CA LEU G 14 27.01 -9.73 4.53
C LEU G 14 26.80 -10.14 5.98
N ARG G 15 26.83 -9.16 6.89
CA ARG G 15 26.54 -9.43 8.29
C ARG G 15 25.20 -10.13 8.45
N ASN G 16 24.16 -9.59 7.80
CA ASN G 16 22.85 -10.22 7.81
C ASN G 16 22.93 -11.67 7.35
N GLU G 17 23.76 -11.96 6.34
CA GLU G 17 23.90 -13.34 5.86
C GLU G 17 24.76 -14.16 6.82
N LEU G 18 25.79 -13.54 7.41
CA LEU G 18 26.59 -14.22 8.42
C LEU G 18 25.75 -14.70 9.59
N ILE G 19 24.70 -13.96 9.95
CA ILE G 19 23.97 -14.30 11.16
C ILE G 19 23.03 -15.48 10.90
N LYS G 20 22.50 -15.60 9.68
CA LYS G 20 21.62 -16.74 9.37
C LYS G 20 22.35 -18.06 9.54
N GLN G 21 23.57 -18.15 9.01
CA GLN G 21 24.42 -19.33 9.18
C GLN G 21 24.79 -19.58 10.64
N GLY G 22 24.55 -18.62 11.53
CA GLY G 22 24.92 -18.77 12.91
C GLY G 22 24.05 -19.73 13.68
N PRO G 23 24.43 -20.01 14.92
CA PRO G 23 23.61 -20.85 15.80
C PRO G 23 22.15 -20.40 15.78
N LYS G 24 21.26 -21.36 15.51
CA LYS G 24 19.83 -21.10 15.53
C LYS G 24 19.24 -21.59 16.84
N ARG G 25 18.16 -20.95 17.27
CA ARG G 25 17.62 -21.25 18.58
C ARG G 25 16.95 -22.63 18.59
N PRO G 26 17.04 -23.35 19.70
CA PRO G 26 16.48 -24.71 19.75
C PRO G 26 14.97 -24.68 19.77
N THR G 27 14.43 -25.87 19.63
CA THR G 27 13.01 -26.09 19.52
C THR G 27 12.30 -25.71 20.82
N SER G 28 10.99 -25.56 20.74
CA SER G 28 10.19 -25.39 21.95
C SER G 28 9.97 -26.75 22.59
N ALA G 29 9.51 -26.73 23.85
CA ALA G 29 9.37 -27.97 24.60
C ALA G 29 8.28 -28.87 24.02
N TYR G 30 7.16 -28.29 23.60
CA TYR G 30 6.06 -29.09 23.06
C TYR G 30 6.51 -29.91 21.86
N PHE G 31 7.48 -29.40 21.09
CA PHE G 31 7.94 -30.11 19.90
C PHE G 31 8.85 -31.29 20.27
N LEU G 32 9.65 -31.13 21.32
CA LEU G 32 10.37 -32.28 21.86
C LEU G 32 9.40 -33.40 22.18
N TYR G 33 8.31 -33.05 22.86
CA TYR G 33 7.26 -34.02 23.12
C TYR G 33 6.64 -34.52 21.83
N LEU G 34 6.35 -33.59 20.90
CA LEU G 34 5.78 -33.98 19.62
C LEU G 34 6.64 -35.01 18.92
N GLN G 35 7.93 -34.72 18.73
CA GLN G 35 8.79 -35.57 17.92
C GLN G 35 8.83 -37.00 18.46
N ASP G 36 8.82 -37.16 19.78
CA ASP G 36 8.98 -38.49 20.36
C ASP G 36 7.66 -39.26 20.39
N HIS G 37 6.54 -38.57 20.60
CA HIS G 37 5.25 -39.23 20.67
C HIS G 37 4.43 -39.09 19.40
N ARG G 38 4.99 -38.48 18.35
CA ARG G 38 4.23 -38.24 17.12
C ARG G 38 3.85 -39.54 16.43
N SER G 39 4.80 -40.46 16.31
CA SER G 39 4.56 -41.69 15.56
C SER G 39 3.41 -42.49 16.16
N GLN G 40 3.46 -42.73 17.46
CA GLN G 40 2.34 -43.38 18.13
C GLN G 40 1.06 -42.57 18.01
N PHE G 41 1.17 -41.24 17.92
CA PHE G 41 -0.03 -40.41 17.78
C PHE G 41 -0.74 -40.71 16.46
N VAL G 42 0.03 -41.12 15.44
CA VAL G 42 -0.60 -41.42 14.15
C VAL G 42 -1.37 -42.74 14.22
N LYS G 43 -0.92 -43.66 15.08
CA LYS G 43 -1.62 -44.94 15.19
C LYS G 43 -2.91 -44.81 15.99
N GLU G 44 -2.85 -44.09 17.11
CA GLU G 44 -4.05 -43.87 17.93
C GLU G 44 -5.18 -43.26 17.11
N ASN G 45 -4.86 -42.38 16.16
CA ASN G 45 -5.86 -41.70 15.33
C ASN G 45 -5.57 -41.94 13.85
N PRO G 46 -6.13 -43.00 13.24
CA PRO G 46 -5.82 -43.39 11.84
C PRO G 46 -6.23 -42.52 10.64
N THR G 47 -7.48 -42.10 10.59
CA THR G 47 -8.02 -41.22 9.55
C THR G 47 -7.90 -39.78 10.02
N LEU G 48 -6.68 -39.27 9.98
CA LEU G 48 -6.39 -38.01 10.61
C LEU G 48 -5.60 -37.09 9.70
N ARG G 49 -6.11 -35.88 9.52
CA ARG G 49 -5.40 -34.87 8.76
C ARG G 49 -4.26 -34.30 9.61
N PRO G 50 -3.18 -33.88 8.96
CA PRO G 50 -2.03 -33.35 9.72
C PRO G 50 -2.37 -32.16 10.61
N ALA G 51 -3.16 -31.20 10.11
CA ALA G 51 -3.59 -30.11 10.98
C ALA G 51 -4.44 -30.63 12.13
N GLU G 52 -5.28 -31.64 11.86
CA GLU G 52 -6.09 -32.22 12.93
C GLU G 52 -5.24 -33.00 13.92
N ILE G 53 -4.25 -33.77 13.43
CA ILE G 53 -3.42 -34.55 14.33
C ILE G 53 -2.59 -33.63 15.22
N SER G 54 -2.11 -32.53 14.66
CA SER G 54 -1.31 -31.59 15.41
C SER G 54 -2.12 -31.00 16.57
N LYS G 55 -3.42 -30.81 16.36
CA LYS G 55 -4.21 -30.19 17.41
C LYS G 55 -4.40 -31.13 18.59
N ILE G 56 -4.52 -32.44 18.32
CA ILE G 56 -4.67 -33.44 19.39
C ILE G 56 -3.44 -33.44 20.29
N ALA G 57 -2.24 -33.47 19.69
CA ALA G 57 -1.04 -33.32 20.49
C ALA G 57 -1.07 -31.97 21.23
N GLY G 58 -1.62 -30.95 20.57
CA GLY G 58 -1.77 -29.66 21.23
C GLY G 58 -2.69 -29.71 22.40
N GLU G 59 -3.82 -30.41 22.22
CA GLU G 59 -4.78 -30.61 23.30
C GLU G 59 -4.14 -31.40 24.43
N LYS G 60 -3.41 -32.45 24.05
CA LYS G 60 -2.68 -33.32 24.96
C LYS G 60 -1.64 -32.55 25.76
N TRP G 61 -0.99 -31.55 25.14
CA TRP G 61 0.08 -30.84 25.83
C TRP G 61 -0.46 -29.94 26.93
N GLN G 62 -1.68 -29.42 26.77
CA GLN G 62 -2.23 -28.49 27.75
C GLN G 62 -2.31 -29.11 29.14
N ASN G 63 -2.67 -30.40 29.23
CA ASN G 63 -2.76 -31.10 30.51
C ASN G 63 -2.09 -32.48 30.39
N LEU G 64 -0.82 -32.48 29.97
CA LEU G 64 0.01 -33.67 30.05
C LEU G 64 0.46 -33.88 31.50
N GLU G 65 0.93 -35.10 31.81
CA GLU G 65 1.50 -35.37 33.12
C GLU G 65 2.61 -34.38 33.43
N ALA G 66 2.54 -33.75 34.61
CA ALA G 66 3.41 -32.61 34.88
C ALA G 66 4.86 -33.03 35.01
N ASP G 67 5.13 -34.17 35.63
CA ASP G 67 6.50 -34.65 35.76
C ASP G 67 7.13 -34.86 34.38
N ILE G 68 6.44 -35.57 33.48
CA ILE G 68 6.96 -35.77 32.11
C ILE G 68 7.08 -34.44 31.38
N LYS G 69 6.08 -33.57 31.52
CA LYS G 69 6.13 -32.25 30.89
C LYS G 69 7.32 -31.45 31.43
N GLU G 70 7.55 -31.48 32.74
CA GLU G 70 8.71 -30.78 33.28
C GLU G 70 10.01 -31.32 32.67
N LYS G 71 10.09 -32.62 32.43
CA LYS G 71 11.28 -33.20 31.81
C LYS G 71 11.54 -32.59 30.45
N TYR G 72 10.49 -32.44 29.64
CA TYR G 72 10.60 -31.76 28.35
C TYR G 72 10.95 -30.30 28.54
N ILE G 73 10.32 -29.64 29.51
CA ILE G 73 10.63 -28.23 29.74
C ILE G 73 12.06 -28.08 30.26
N SER G 74 12.47 -28.97 31.17
CA SER G 74 13.82 -28.89 31.71
C SER G 74 14.85 -29.21 30.62
N GLU G 75 14.57 -30.22 29.81
CA GLU G 75 15.48 -30.57 28.73
C GLU G 75 15.58 -29.38 27.80
N ARG G 76 14.44 -28.75 27.55
CA ARG G 76 14.40 -27.59 26.67
C ARG G 76 15.24 -26.48 27.25
N LYS G 77 15.16 -26.28 28.56
CA LYS G 77 15.92 -25.22 29.19
C LYS G 77 17.40 -25.43 28.99
N LYS G 78 17.83 -26.68 29.11
CA LYS G 78 19.24 -27.00 28.94
C LYS G 78 19.72 -26.66 27.54
N LEU G 79 18.89 -26.90 26.53
CA LEU G 79 19.30 -26.67 25.15
C LEU G 79 19.38 -25.19 24.83
N TYR G 80 18.49 -24.38 25.42
CA TYR G 80 18.51 -22.95 25.12
C TYR G 80 19.78 -22.32 25.67
N SER G 81 20.20 -22.73 26.87
CA SER G 81 21.41 -22.18 27.46
C SER G 81 22.63 -22.49 26.59
N GLU G 82 22.69 -23.70 26.03
CA GLU G 82 23.73 -24.00 25.05
C GLU G 82 23.66 -23.04 23.88
N TYR G 83 22.46 -22.84 23.35
CA TYR G 83 22.30 -21.90 22.24
C TYR G 83 22.68 -20.50 22.65
N GLN G 84 22.23 -20.07 23.83
CA GLN G 84 22.51 -18.71 24.24
C GLN G 84 24.01 -18.48 24.33
N LYS G 85 24.73 -19.42 24.95
CA LYS G 85 26.18 -19.33 24.97
C LYS G 85 26.75 -19.43 23.57
N ALA G 86 26.21 -20.33 22.75
CA ALA G 86 26.63 -20.37 21.35
C ALA G 86 26.39 -19.03 20.68
N LYS G 87 25.21 -18.44 20.88
CA LYS G 87 24.88 -17.18 20.24
C LYS G 87 25.89 -16.10 20.59
N LYS G 88 26.05 -15.80 21.89
CA LYS G 88 26.98 -14.76 22.32
C LYS G 88 28.38 -15.00 21.75
N GLU G 89 28.84 -16.24 21.80
CA GLU G 89 30.15 -16.57 21.26
C GLU G 89 30.24 -16.28 19.77
N PHE G 90 29.19 -16.64 19.03
CA PHE G 90 29.15 -16.38 17.60
C PHE G 90 29.03 -14.88 17.32
N ASP G 91 28.20 -14.18 18.09
CA ASP G 91 28.02 -12.76 17.84
C ASP G 91 29.30 -11.99 18.13
N GLU G 92 30.03 -12.36 19.18
CA GLU G 92 31.27 -11.66 19.49
C GLU G 92 32.27 -11.79 18.35
N LYS G 93 32.32 -12.94 17.68
CA LYS G 93 33.28 -13.13 16.60
C LYS G 93 32.87 -12.49 15.28
N LEU G 94 31.64 -11.95 15.19
CA LEU G 94 31.18 -11.29 13.97
C LEU G 94 31.99 -10.03 13.69
N PRO G 95 32.03 -9.58 12.45
CA PRO G 95 32.56 -8.25 12.15
C PRO G 95 31.80 -7.19 12.92
N PRO G 96 32.50 -6.25 13.54
CA PRO G 96 31.81 -5.29 14.40
C PRO G 96 30.99 -4.29 13.60
N LYS G 97 29.89 -3.84 14.21
CA LYS G 97 29.18 -2.71 13.64
C LYS G 97 30.05 -1.46 13.72
N LYS G 98 29.68 -0.45 12.93
CA LYS G 98 30.49 0.76 12.88
C LYS G 98 30.31 1.58 14.18
N PRO G 99 31.31 2.40 14.54
CA PRO G 99 31.17 3.23 15.75
C PRO G 99 30.05 4.26 15.59
N ALA G 100 29.42 4.59 16.72
CA ALA G 100 28.24 5.43 16.70
C ALA G 100 28.61 6.90 16.56
N GLY G 101 27.72 7.65 15.90
CA GLY G 101 27.91 9.05 15.63
C GLY G 101 27.78 9.94 16.85
N PRO G 102 28.09 11.23 16.68
CA PRO G 102 28.19 12.13 17.84
C PRO G 102 26.90 12.31 18.61
N PHE G 103 25.76 12.43 17.94
CA PHE G 103 24.54 12.59 18.70
C PHE G 103 24.26 11.35 19.54
N ILE G 104 24.56 10.16 19.00
CA ILE G 104 24.26 8.95 19.75
C ILE G 104 25.10 8.89 21.01
N LYS G 105 26.41 9.11 20.89
CA LYS G 105 27.25 9.19 22.07
C LYS G 105 26.73 10.23 23.05
N TYR G 106 26.37 11.41 22.55
CA TYR G 106 25.86 12.43 23.46
C TYR G 106 24.59 11.95 24.14
N ALA G 107 23.62 11.48 23.36
CA ALA G 107 22.38 11.03 23.96
C ALA G 107 22.61 9.95 25.00
N ASN G 108 23.59 9.06 24.79
CA ASN G 108 23.82 8.03 25.79
C ASN G 108 24.25 8.63 27.13
N GLU G 109 25.15 9.61 27.09
CA GLU G 109 25.63 10.21 28.32
C GLU G 109 24.57 11.04 29.03
N VAL G 110 23.55 11.51 28.30
CA VAL G 110 22.58 12.40 28.93
C VAL G 110 21.27 11.70 29.23
N ARG G 111 21.12 10.44 28.79
CA ARG G 111 19.83 9.75 28.91
C ARG G 111 19.30 9.76 30.35
N SER G 112 20.11 9.31 31.31
CA SER G 112 19.60 9.10 32.67
C SER G 112 19.11 10.39 33.29
N GLN G 113 19.88 11.47 33.16
CA GLN G 113 19.44 12.72 33.78
C GLN G 113 18.23 13.32 33.05
N VAL G 114 18.14 13.15 31.72
CA VAL G 114 16.95 13.61 31.01
C VAL G 114 15.74 12.82 31.45
N PHE G 115 15.90 11.51 31.60
CA PHE G 115 14.75 10.72 32.04
C PHE G 115 14.37 11.06 33.47
N ALA G 116 15.36 11.39 34.32
CA ALA G 116 15.03 11.76 35.69
C ALA G 116 14.18 13.02 35.72
N GLN G 117 14.44 13.97 34.82
CA GLN G 117 13.62 15.18 34.81
C GLN G 117 12.36 14.99 33.98
N HIS G 118 12.23 13.88 33.27
CA HIS G 118 11.06 13.61 32.43
C HIS G 118 10.62 12.17 32.64
N PRO G 119 10.10 11.82 33.82
CA PRO G 119 9.95 10.40 34.15
C PRO G 119 8.78 9.72 33.44
N ASP G 120 7.87 10.50 32.88
CA ASP G 120 6.72 9.94 32.19
C ASP G 120 7.07 9.50 30.77
N LYS G 121 8.03 10.17 30.15
CA LYS G 121 8.22 10.08 28.70
C LYS G 121 8.95 8.79 28.31
N SER G 122 8.58 8.26 27.15
CA SER G 122 9.14 7.02 26.66
C SER G 122 10.51 7.24 26.05
N GLN G 123 11.16 6.15 25.67
CA GLN G 123 12.48 6.29 25.07
C GLN G 123 12.39 7.06 23.75
N LEU G 124 11.33 6.84 22.99
CA LEU G 124 11.15 7.64 21.77
C LEU G 124 11.03 9.11 22.14
N ASP G 125 10.13 9.45 23.07
CA ASP G 125 9.92 10.85 23.42
C ASP G 125 11.18 11.48 23.99
N LEU G 126 11.89 10.76 24.86
CA LEU G 126 13.18 11.22 25.33
C LEU G 126 14.10 11.59 24.17
N MET G 127 14.17 10.75 23.15
CA MET G 127 15.10 11.01 22.07
C MET G 127 14.73 12.29 21.35
N LYS G 128 13.43 12.55 21.19
CA LYS G 128 12.97 13.84 20.70
C LYS G 128 13.57 14.97 21.53
N ILE G 129 13.42 14.89 22.85
CA ILE G 129 13.92 15.95 23.70
C ILE G 129 15.43 16.01 23.63
N ILE G 130 16.09 14.87 23.73
CA ILE G 130 17.54 14.89 23.65
C ILE G 130 17.97 15.49 22.33
N GLY G 131 17.16 15.31 21.29
CA GLY G 131 17.45 15.96 20.03
C GLY G 131 17.37 17.47 20.12
N ASP G 132 16.41 17.97 20.90
CA ASP G 132 16.37 19.40 21.14
C ASP G 132 17.57 19.86 21.96
N LYS G 133 18.02 19.03 22.90
CA LYS G 133 19.16 19.44 23.70
C LYS G 133 20.41 19.50 22.84
N TRP G 134 20.54 18.59 21.89
CA TRP G 134 21.68 18.66 21.00
C TRP G 134 21.67 19.95 20.18
N GLN G 135 20.53 20.29 19.58
CA GLN G 135 20.46 21.53 18.83
C GLN G 135 20.89 22.71 19.69
N SER G 136 20.55 22.68 20.98
CA SER G 136 20.77 23.85 21.82
C SER G 136 22.23 24.02 22.19
N LEU G 137 22.94 22.92 22.38
CA LEU G 137 24.21 23.02 23.09
C LEU G 137 25.25 23.72 22.24
N ASP G 138 26.27 24.27 22.90
CA ASP G 138 27.21 25.14 22.20
C ASP G 138 28.08 24.33 21.25
N GLN G 139 28.49 24.96 20.16
CA GLN G 139 29.35 24.26 19.20
C GLN G 139 30.58 23.68 19.87
N SER G 140 31.13 24.37 20.88
CA SER G 140 32.30 23.85 21.56
C SER G 140 32.02 22.49 22.17
N ILE G 141 30.84 22.33 22.78
CA ILE G 141 30.50 21.02 23.34
C ILE G 141 30.21 20.03 22.24
N LYS G 142 29.48 20.47 21.20
CA LYS G 142 29.31 19.64 20.01
C LYS G 142 30.64 19.04 19.59
N ASP G 143 31.63 19.88 19.31
CA ASP G 143 32.90 19.38 18.81
C ASP G 143 33.47 18.29 19.70
N LYS G 144 33.23 18.34 21.02
CA LYS G 144 33.64 17.23 21.87
C LYS G 144 33.22 15.91 21.27
N TYR G 145 31.93 15.74 21.00
CA TYR G 145 31.43 14.45 20.52
C TYR G 145 31.84 14.22 19.06
N ILE G 146 31.96 15.28 18.27
CA ILE G 146 32.47 15.15 16.91
C ILE G 146 33.95 14.81 16.94
N GLN G 147 34.66 15.26 17.98
CA GLN G 147 36.04 14.88 18.14
C GLN G 147 36.14 13.40 18.46
N GLU G 148 35.33 12.92 19.40
CA GLU G 148 35.37 11.52 19.77
C GLU G 148 35.05 10.61 18.60
N TYR G 149 34.03 10.96 17.80
CA TYR G 149 33.67 10.10 16.67
C TYR G 149 34.85 9.87 15.76
N LYS G 150 35.55 10.95 15.37
CA LYS G 150 36.68 10.84 14.46
C LYS G 150 37.75 9.92 15.03
N LYS G 151 38.09 10.11 16.30
CA LYS G 151 38.88 9.10 16.99
C LYS G 151 38.28 7.72 16.81
N ALA G 152 37.03 7.55 17.25
CA ALA G 152 36.39 6.25 17.18
C ALA G 152 36.36 5.71 15.76
N ILE G 153 36.14 6.57 14.77
CA ILE G 153 36.15 6.10 13.38
C ILE G 153 37.58 5.89 12.89
N GLN G 154 38.54 6.61 13.47
CA GLN G 154 39.94 6.44 13.07
C GLN G 154 40.49 5.11 13.57
N GLU G 155 40.26 4.82 14.86
CA GLU G 155 40.70 3.56 15.43
C GLU G 155 40.02 2.38 14.74
N TYR G 156 38.73 2.51 14.47
CA TYR G 156 37.99 1.42 13.82
C TYR G 156 38.52 1.17 12.42
N ASN G 157 38.76 2.22 11.65
CA ASN G 157 39.35 2.06 10.33
C ASN G 157 40.74 1.43 10.45
N ALA G 158 41.56 1.93 11.37
CA ALA G 158 42.90 1.37 11.56
C ALA G 158 42.85 -0.08 12.03
N ARG G 159 41.90 -0.41 12.92
CA ARG G 159 41.81 -1.78 13.41
C ARG G 159 41.23 -2.72 12.36
N TYR G 160 40.08 -2.36 11.79
CA TYR G 160 39.48 -3.13 10.70
C TYR G 160 39.41 -2.27 9.44
N PRO G 161 40.33 -2.47 8.51
CA PRO G 161 40.35 -1.71 7.26
C PRO G 161 39.21 -2.14 6.35
N LEU G 162 38.12 -2.59 6.95
CA LEU G 162 36.94 -3.03 6.20
C LEU G 162 35.74 -3.13 7.12
N ARG J 11 14.04 -27.81 -10.62
CA ARG J 11 14.82 -27.78 -11.86
C ARG J 11 14.76 -26.40 -12.47
N THR J 12 13.54 -25.89 -12.60
CA THR J 12 13.33 -24.57 -13.20
C THR J 12 14.16 -23.52 -12.47
N GLN J 13 14.28 -23.66 -11.16
CA GLN J 13 15.15 -22.75 -10.41
C GLN J 13 16.61 -22.97 -10.77
N LEU J 14 17.02 -24.23 -10.87
CA LEU J 14 18.36 -24.53 -11.36
C LEU J 14 18.57 -23.89 -12.74
N ARG J 15 17.54 -23.98 -13.59
CA ARG J 15 17.56 -23.31 -14.89
C ARG J 15 17.50 -21.79 -14.75
N ASN J 16 17.01 -21.28 -13.61
CA ASN J 16 16.81 -19.84 -13.48
C ASN J 16 18.13 -19.12 -13.27
N GLU J 17 18.95 -19.59 -12.32
CA GLU J 17 20.28 -19.01 -12.15
C GLU J 17 21.08 -19.08 -13.45
N LEU J 18 20.80 -20.07 -14.28
CA LEU J 18 21.50 -20.17 -15.55
C LEU J 18 21.15 -19.02 -16.48
N ILE J 19 19.87 -18.65 -16.55
CA ILE J 19 19.48 -17.63 -17.52
C ILE J 19 20.13 -16.29 -17.19
N LYS J 20 20.26 -15.96 -15.90
CA LYS J 20 20.91 -14.71 -15.53
C LYS J 20 22.34 -14.64 -16.05
N GLN J 21 23.03 -15.78 -16.10
CA GLN J 21 24.37 -15.89 -16.66
C GLN J 21 24.43 -15.72 -18.17
N GLY J 22 23.29 -15.67 -18.85
CA GLY J 22 23.24 -15.61 -20.29
C GLY J 22 23.77 -14.31 -20.85
N PRO J 23 24.02 -14.27 -22.17
CA PRO J 23 24.64 -13.08 -22.76
C PRO J 23 23.65 -11.92 -22.75
N LYS J 24 24.12 -10.79 -22.23
CA LYS J 24 23.33 -9.58 -22.15
C LYS J 24 23.19 -8.92 -23.50
N ARG J 25 22.07 -8.24 -23.74
CA ARG J 25 21.88 -7.57 -25.01
C ARG J 25 22.80 -6.36 -25.11
N PRO J 26 23.22 -6.01 -26.33
CA PRO J 26 24.17 -4.89 -26.46
C PRO J 26 23.47 -3.56 -26.31
N THR J 27 24.27 -2.52 -26.37
CA THR J 27 23.83 -1.16 -26.12
C THR J 27 23.20 -0.56 -27.37
N SER J 28 22.27 0.38 -27.15
CA SER J 28 21.75 1.21 -28.21
C SER J 28 22.87 2.01 -28.88
N ALA J 29 22.62 2.43 -30.12
CA ALA J 29 23.66 3.09 -30.90
C ALA J 29 24.05 4.44 -30.30
N TYR J 30 23.09 5.14 -29.68
CA TYR J 30 23.36 6.44 -29.05
C TYR J 30 24.51 6.34 -28.05
N PHE J 31 24.61 5.25 -27.31
CA PHE J 31 25.57 5.15 -26.21
C PHE J 31 26.98 4.90 -26.72
N LEU J 32 27.10 4.26 -27.89
CA LEU J 32 28.40 4.16 -28.53
C LEU J 32 28.88 5.54 -28.92
N TYR J 33 28.00 6.31 -29.56
CA TYR J 33 28.30 7.71 -29.82
C TYR J 33 28.63 8.45 -28.52
N LEU J 34 27.93 8.14 -27.44
CA LEU J 34 28.19 8.84 -26.19
C LEU J 34 29.44 8.31 -25.50
N GLN J 35 29.73 7.01 -25.67
CA GLN J 35 30.95 6.50 -25.05
C GLN J 35 32.17 7.13 -25.69
N ASP J 36 32.10 7.40 -27.00
CA ASP J 36 33.21 8.04 -27.69
C ASP J 36 33.40 9.48 -27.23
N HIS J 37 32.29 10.17 -26.96
CA HIS J 37 32.31 11.61 -26.78
C HIS J 37 32.07 12.06 -25.33
N ARG J 38 32.18 11.16 -24.35
CA ARG J 38 31.84 11.53 -22.98
C ARG J 38 32.85 12.50 -22.41
N SER J 39 34.13 12.09 -22.37
CA SER J 39 35.20 13.00 -21.95
C SER J 39 35.14 14.31 -22.71
N GLN J 40 34.87 14.26 -24.02
CA GLN J 40 34.76 15.48 -24.81
C GLN J 40 33.71 16.41 -24.22
N PHE J 41 32.44 16.01 -24.24
CA PHE J 41 31.38 16.85 -23.70
C PHE J 41 31.71 17.39 -22.30
N VAL J 42 32.14 16.53 -21.38
CA VAL J 42 32.22 16.97 -19.98
C VAL J 42 33.43 17.88 -19.76
N LYS J 43 34.49 17.67 -20.53
CA LYS J 43 35.64 18.55 -20.37
C LYS J 43 35.50 19.81 -21.21
N GLU J 44 34.75 19.73 -22.30
CA GLU J 44 34.41 20.93 -23.04
C GLU J 44 33.26 21.68 -22.35
N ASN J 45 32.51 21.00 -21.48
CA ASN J 45 31.43 21.65 -20.73
C ASN J 45 31.51 21.31 -19.24
N PRO J 46 32.33 22.01 -18.44
CA PRO J 46 32.63 21.54 -17.08
C PRO J 46 31.64 21.92 -16.00
N THR J 47 30.84 22.94 -16.20
CA THR J 47 29.94 23.40 -15.16
C THR J 47 28.63 22.65 -15.03
N LEU J 48 28.36 21.72 -15.92
CA LEU J 48 27.04 21.07 -15.93
C LEU J 48 27.06 19.73 -15.20
N ARG J 49 25.94 19.40 -14.57
CA ARG J 49 25.81 18.14 -13.87
C ARG J 49 25.86 16.99 -14.89
N PRO J 50 26.07 15.77 -14.42
CA PRO J 50 26.04 14.64 -15.37
C PRO J 50 24.74 14.58 -16.16
N ALA J 51 23.60 14.56 -15.48
CA ALA J 51 22.33 14.52 -16.19
C ALA J 51 22.21 15.66 -17.16
N GLU J 52 22.88 16.79 -16.90
CA GLU J 52 22.88 17.88 -17.87
C GLU J 52 23.69 17.50 -19.10
N ILE J 53 24.80 16.78 -18.90
CA ILE J 53 25.61 16.38 -20.05
C ILE J 53 24.85 15.42 -20.95
N SER J 54 24.10 14.50 -20.36
CA SER J 54 23.31 13.58 -21.17
C SER J 54 22.30 14.31 -22.02
N LYS J 55 21.73 15.40 -21.50
CA LYS J 55 20.79 16.17 -22.30
C LYS J 55 21.49 16.75 -23.52
N ILE J 56 22.65 17.38 -23.31
CA ILE J 56 23.46 17.87 -24.42
C ILE J 56 23.74 16.73 -25.40
N ALA J 57 24.24 15.60 -24.91
CA ALA J 57 24.60 14.52 -25.81
C ALA J 57 23.36 13.96 -26.53
N GLY J 58 22.18 14.06 -25.91
CA GLY J 58 20.96 13.70 -26.61
C GLY J 58 20.63 14.64 -27.75
N GLU J 59 20.73 15.96 -27.49
CA GLU J 59 20.50 16.94 -28.55
C GLU J 59 21.53 16.79 -29.65
N LYS J 60 22.76 16.46 -29.30
CA LYS J 60 23.78 16.31 -30.33
C LYS J 60 23.49 15.09 -31.19
N TRP J 61 22.99 14.03 -30.57
CA TRP J 61 22.66 12.81 -31.30
C TRP J 61 21.47 13.03 -32.24
N GLN J 62 20.55 13.90 -31.88
CA GLN J 62 19.40 14.12 -32.76
C GLN J 62 19.79 14.93 -34.00
N ASN J 63 20.67 15.93 -33.84
CA ASN J 63 21.10 16.75 -34.96
C ASN J 63 22.31 16.18 -35.69
N LEU J 64 22.83 15.04 -35.27
CA LEU J 64 24.08 14.52 -35.79
C LEU J 64 23.98 14.23 -37.29
N GLU J 65 25.09 14.42 -38.00
CA GLU J 65 25.13 14.13 -39.44
C GLU J 65 24.70 12.69 -39.66
N ALA J 66 23.83 12.48 -40.65
CA ALA J 66 23.26 11.14 -40.79
C ALA J 66 24.33 10.12 -41.14
N ASP J 67 25.33 10.51 -41.93
CA ASP J 67 26.38 9.56 -42.30
C ASP J 67 27.20 9.15 -41.09
N ILE J 68 27.36 10.05 -40.11
CA ILE J 68 28.00 9.65 -38.85
C ILE J 68 27.09 8.72 -38.06
N LYS J 69 25.81 9.06 -37.92
CA LYS J 69 24.90 8.20 -37.18
C LYS J 69 24.92 6.77 -37.72
N GLU J 70 25.04 6.60 -39.03
CA GLU J 70 24.98 5.26 -39.59
C GLU J 70 26.16 4.41 -39.12
N LYS J 71 27.34 5.01 -39.02
CA LYS J 71 28.49 4.26 -38.50
C LYS J 71 28.16 3.67 -37.14
N TYR J 72 27.46 4.42 -36.29
CA TYR J 72 27.10 3.89 -34.98
C TYR J 72 25.95 2.90 -35.10
N ILE J 73 24.99 3.18 -35.98
CA ILE J 73 23.87 2.26 -36.17
C ILE J 73 24.35 0.96 -36.79
N SER J 74 25.16 1.04 -37.85
CA SER J 74 25.76 -0.14 -38.44
C SER J 74 26.58 -0.92 -37.42
N GLU J 75 27.36 -0.20 -36.60
CA GLU J 75 28.13 -0.87 -35.55
C GLU J 75 27.19 -1.53 -34.55
N ARG J 76 26.17 -0.80 -34.09
CA ARG J 76 25.19 -1.41 -33.18
C ARG J 76 24.50 -2.60 -33.82
N LYS J 77 24.08 -2.47 -35.07
CA LYS J 77 23.42 -3.55 -35.79
C LYS J 77 24.26 -4.81 -35.78
N LYS J 78 25.59 -4.67 -35.91
CA LYS J 78 26.44 -5.86 -35.96
C LYS J 78 26.59 -6.49 -34.58
N LEU J 79 26.64 -5.66 -33.54
CA LEU J 79 26.70 -6.19 -32.18
C LEU J 79 25.43 -6.96 -31.84
N TYR J 80 24.27 -6.42 -32.20
CA TYR J 80 23.03 -7.10 -31.86
C TYR J 80 22.97 -8.46 -32.54
N SER J 81 23.30 -8.51 -33.83
CA SER J 81 23.34 -9.80 -34.54
C SER J 81 24.30 -10.76 -33.85
N GLU J 82 25.45 -10.25 -33.38
CA GLU J 82 26.36 -11.11 -32.63
C GLU J 82 25.75 -11.53 -31.30
N TYR J 83 24.96 -10.66 -30.68
CA TYR J 83 24.29 -11.02 -29.44
C TYR J 83 23.22 -12.07 -29.70
N GLN J 84 22.31 -11.81 -30.65
CA GLN J 84 21.19 -12.72 -30.85
C GLN J 84 21.66 -14.05 -31.42
N LYS J 85 22.78 -14.05 -32.14
CA LYS J 85 23.37 -15.33 -32.52
C LYS J 85 23.94 -16.03 -31.30
N ALA J 86 24.61 -15.28 -30.42
CA ALA J 86 25.14 -15.89 -29.21
C ALA J 86 24.01 -16.36 -28.31
N LYS J 87 22.96 -15.56 -28.18
CA LYS J 87 21.81 -15.93 -27.37
C LYS J 87 21.20 -17.24 -27.85
N LYS J 88 21.02 -17.39 -29.16
CA LYS J 88 20.45 -18.63 -29.69
C LYS J 88 21.28 -19.83 -29.25
N GLU J 89 22.60 -19.74 -29.38
CA GLU J 89 23.45 -20.88 -29.06
C GLU J 89 23.45 -21.18 -27.56
N PHE J 90 23.54 -20.14 -26.74
CA PHE J 90 23.37 -20.29 -25.29
C PHE J 90 22.02 -20.93 -24.96
N ASP J 91 20.93 -20.36 -25.48
CA ASP J 91 19.61 -20.88 -25.16
C ASP J 91 19.45 -22.34 -25.61
N GLU J 92 20.04 -22.71 -26.74
CA GLU J 92 19.94 -24.10 -27.16
C GLU J 92 20.65 -25.04 -26.19
N LYS J 93 21.74 -24.57 -25.58
CA LYS J 93 22.45 -25.39 -24.60
C LYS J 93 21.71 -25.53 -23.27
N LEU J 94 20.61 -24.81 -23.08
CA LEU J 94 19.97 -24.74 -21.76
C LEU J 94 19.21 -26.04 -21.47
N PRO J 95 18.88 -26.29 -20.20
CA PRO J 95 17.97 -27.38 -19.89
C PRO J 95 16.63 -27.13 -20.53
N PRO J 96 16.07 -28.11 -21.22
CA PRO J 96 14.84 -27.88 -21.97
C PRO J 96 13.66 -27.59 -21.06
N LYS J 97 12.87 -26.61 -21.46
CA LYS J 97 11.57 -26.38 -20.84
C LYS J 97 10.71 -27.64 -20.90
N LYS J 98 9.84 -27.80 -19.89
CA LYS J 98 8.94 -28.93 -19.87
C LYS J 98 7.99 -28.88 -21.07
N PRO J 99 7.59 -30.03 -21.60
CA PRO J 99 6.70 -30.03 -22.77
C PRO J 99 5.34 -29.44 -22.45
N ALA J 100 4.69 -28.93 -23.49
CA ALA J 100 3.38 -28.32 -23.34
C ALA J 100 2.34 -29.36 -22.97
N GLY J 101 1.44 -28.97 -22.07
CA GLY J 101 0.38 -29.83 -21.59
C GLY J 101 -0.67 -30.12 -22.65
N PRO J 102 -1.54 -31.10 -22.36
CA PRO J 102 -2.54 -31.52 -23.36
C PRO J 102 -3.31 -30.38 -24.01
N PHE J 103 -3.90 -29.47 -23.22
CA PHE J 103 -4.75 -28.45 -23.82
C PHE J 103 -3.98 -27.59 -24.82
N ILE J 104 -2.75 -27.21 -24.50
CA ILE J 104 -1.97 -26.34 -25.39
C ILE J 104 -1.74 -27.02 -26.73
N LYS J 105 -1.26 -28.27 -26.72
CA LYS J 105 -1.12 -29.02 -27.96
C LYS J 105 -2.40 -28.93 -28.79
N TYR J 106 -3.56 -29.18 -28.16
CA TYR J 106 -4.81 -29.03 -28.88
C TYR J 106 -5.00 -27.60 -29.37
N ALA J 107 -4.83 -26.62 -28.47
CA ALA J 107 -4.99 -25.23 -28.88
C ALA J 107 -4.10 -24.90 -30.08
N ASN J 108 -2.81 -25.23 -29.99
CA ASN J 108 -1.90 -24.96 -31.09
C ASN J 108 -2.39 -25.59 -32.40
N GLU J 109 -2.94 -26.80 -32.34
CA GLU J 109 -3.34 -27.47 -33.57
C GLU J 109 -4.55 -26.80 -34.19
N VAL J 110 -5.41 -26.21 -33.37
CA VAL J 110 -6.71 -25.75 -33.82
C VAL J 110 -6.81 -24.25 -33.94
N ARG J 111 -5.75 -23.52 -33.57
CA ARG J 111 -5.81 -22.05 -33.56
C ARG J 111 -6.15 -21.48 -34.92
N SER J 112 -5.45 -21.92 -35.97
CA SER J 112 -5.64 -21.35 -37.30
C SER J 112 -7.10 -21.41 -37.73
N GLN J 113 -7.73 -22.58 -37.55
CA GLN J 113 -9.11 -22.74 -37.99
C GLN J 113 -10.04 -21.81 -37.21
N VAL J 114 -9.92 -21.79 -35.88
CA VAL J 114 -10.88 -21.01 -35.11
C VAL J 114 -10.62 -19.52 -35.30
N PHE J 115 -9.36 -19.15 -35.58
CA PHE J 115 -9.10 -17.76 -35.90
C PHE J 115 -9.78 -17.38 -37.21
N ALA J 116 -9.69 -18.25 -38.21
CA ALA J 116 -10.43 -18.03 -39.44
C ALA J 116 -11.92 -17.89 -39.16
N GLN J 117 -12.44 -18.67 -38.21
CA GLN J 117 -13.87 -18.60 -37.92
C GLN J 117 -14.22 -17.39 -37.07
N HIS J 118 -13.26 -16.86 -36.29
CA HIS J 118 -13.47 -15.68 -35.46
C HIS J 118 -12.39 -14.67 -35.79
N PRO J 119 -12.41 -14.09 -36.99
CA PRO J 119 -11.31 -13.18 -37.35
C PRO J 119 -11.20 -11.97 -36.44
N ASP J 120 -12.32 -11.49 -35.90
CA ASP J 120 -12.33 -10.25 -35.11
C ASP J 120 -11.67 -10.43 -33.75
N LYS J 121 -11.81 -11.61 -33.15
CA LYS J 121 -11.40 -11.80 -31.77
C LYS J 121 -9.89 -11.71 -31.61
N SER J 122 -9.45 -11.10 -30.50
CA SER J 122 -8.06 -11.13 -30.10
C SER J 122 -7.71 -12.54 -29.65
N GLN J 123 -6.42 -12.79 -29.49
CA GLN J 123 -6.03 -14.15 -29.17
C GLN J 123 -6.44 -14.50 -27.73
N LEU J 124 -6.45 -13.51 -26.82
CA LEU J 124 -7.04 -13.76 -25.51
C LEU J 124 -8.45 -14.31 -25.65
N ASP J 125 -9.33 -13.60 -26.37
CA ASP J 125 -10.67 -14.10 -26.62
C ASP J 125 -10.64 -15.47 -27.30
N LEU J 126 -9.78 -15.63 -28.31
CA LEU J 126 -9.70 -16.91 -29.00
C LEU J 126 -9.37 -18.04 -28.02
N MET J 127 -8.49 -17.78 -27.06
CA MET J 127 -8.17 -18.80 -26.08
C MET J 127 -9.37 -19.14 -25.20
N LYS J 128 -10.22 -18.16 -24.95
CA LYS J 128 -11.45 -18.47 -24.25
C LYS J 128 -12.33 -19.40 -25.09
N ILE J 129 -12.48 -19.08 -26.38
CA ILE J 129 -13.25 -19.95 -27.27
C ILE J 129 -12.66 -21.34 -27.32
N ILE J 130 -11.35 -21.43 -27.56
CA ILE J 130 -10.71 -22.73 -27.64
C ILE J 130 -10.90 -23.50 -26.34
N GLY J 131 -10.84 -22.79 -25.20
CA GLY J 131 -11.07 -23.44 -23.93
C GLY J 131 -12.44 -24.09 -23.89
N ASP J 132 -13.46 -23.36 -24.32
CA ASP J 132 -14.78 -23.96 -24.38
C ASP J 132 -14.81 -25.13 -25.34
N LYS J 133 -14.11 -25.02 -26.47
CA LYS J 133 -14.01 -26.13 -27.41
C LYS J 133 -13.40 -27.35 -26.74
N TRP J 134 -12.32 -27.15 -25.99
CA TRP J 134 -11.73 -28.30 -25.29
C TRP J 134 -12.71 -28.91 -24.30
N GLN J 135 -13.36 -28.09 -23.47
CA GLN J 135 -14.35 -28.63 -22.54
C GLN J 135 -15.39 -29.44 -23.30
N SER J 136 -15.84 -28.92 -24.44
CA SER J 136 -16.84 -29.62 -25.25
C SER J 136 -16.25 -30.81 -26.00
N LEU J 137 -14.93 -30.99 -25.97
CA LEU J 137 -14.32 -32.02 -26.80
C LEU J 137 -14.75 -33.42 -26.38
N ASP J 138 -14.89 -34.31 -27.38
CA ASP J 138 -15.13 -35.72 -27.11
C ASP J 138 -14.04 -36.27 -26.20
N GLN J 139 -14.45 -37.09 -25.23
CA GLN J 139 -13.49 -37.67 -24.29
C GLN J 139 -12.40 -38.45 -25.02
N SER J 140 -12.75 -39.12 -26.11
CA SER J 140 -11.77 -39.90 -26.83
C SER J 140 -10.72 -39.01 -27.49
N ILE J 141 -11.12 -37.82 -27.93
CA ILE J 141 -10.15 -36.93 -28.58
C ILE J 141 -9.21 -36.35 -27.54
N LYS J 142 -9.78 -35.88 -26.42
CA LYS J 142 -8.96 -35.48 -25.28
C LYS J 142 -7.87 -36.51 -24.98
N ASP J 143 -8.24 -37.79 -24.88
CA ASP J 143 -7.27 -38.82 -24.51
C ASP J 143 -6.07 -38.80 -25.43
N LYS J 144 -6.31 -38.59 -26.73
CA LYS J 144 -5.20 -38.48 -27.66
C LYS J 144 -4.18 -37.48 -27.17
N TYR J 145 -4.64 -36.32 -26.70
CA TYR J 145 -3.68 -35.35 -26.18
C TYR J 145 -3.13 -35.77 -24.82
N ILE J 146 -3.96 -36.36 -23.96
CA ILE J 146 -3.46 -36.83 -22.68
C ILE J 146 -2.37 -37.86 -22.89
N GLN J 147 -2.64 -38.83 -23.73
CA GLN J 147 -1.67 -39.87 -24.02
C GLN J 147 -0.43 -39.22 -24.64
N GLU J 148 -0.66 -38.28 -25.54
CA GLU J 148 0.41 -37.57 -26.22
C GLU J 148 1.30 -36.86 -25.23
N TYR J 149 0.71 -36.32 -24.16
CA TYR J 149 1.49 -35.60 -23.17
C TYR J 149 2.29 -36.55 -22.31
N LYS J 150 1.64 -37.61 -21.80
CA LYS J 150 2.30 -38.56 -20.93
C LYS J 150 3.55 -39.14 -21.57
N LYS J 151 3.45 -39.52 -22.86
CA LYS J 151 4.63 -40.01 -23.56
C LYS J 151 5.70 -38.95 -23.65
N ALA J 152 5.31 -37.72 -23.96
CA ALA J 152 6.29 -36.65 -24.07
C ALA J 152 6.97 -36.39 -22.75
N ILE J 153 6.19 -36.31 -21.66
CA ILE J 153 6.80 -35.92 -20.40
C ILE J 153 7.63 -37.07 -19.84
N GLN J 154 7.19 -38.31 -20.05
CA GLN J 154 7.98 -39.44 -19.59
C GLN J 154 9.33 -39.46 -20.28
N GLU J 155 9.36 -39.07 -21.55
CA GLU J 155 10.62 -38.96 -22.27
C GLU J 155 11.41 -37.76 -21.80
N TYR J 156 10.72 -36.66 -21.49
CA TYR J 156 11.40 -35.51 -20.92
C TYR J 156 12.10 -35.89 -19.63
N ASN J 157 11.44 -36.65 -18.75
CA ASN J 157 12.04 -37.07 -17.49
C ASN J 157 13.20 -38.03 -17.72
N ALA J 158 13.31 -38.61 -18.93
CA ALA J 158 14.43 -39.48 -19.21
C ALA J 158 15.72 -38.66 -19.39
N ARG J 159 15.67 -37.56 -20.14
CA ARG J 159 16.82 -36.67 -20.25
C ARG J 159 16.73 -35.54 -19.22
N TYR J 160 17.00 -35.92 -17.96
CA TYR J 160 16.56 -35.17 -16.78
C TYR J 160 16.83 -36.04 -15.55
N PRO J 161 16.67 -35.53 -14.31
CA PRO J 161 16.67 -36.47 -13.20
C PRO J 161 15.52 -37.49 -13.27
#